data_4D1M
#
_entry.id   4D1M
#
_cell.length_a   70.861
_cell.length_b   74.507
_cell.length_c   74.945
_cell.angle_alpha   90.00
_cell.angle_beta   117.79
_cell.angle_gamma   90.00
#
_symmetry.space_group_name_H-M   'P 1 21 1'
#
loop_
_entity.id
_entity.type
_entity.pdbx_description
1 polymer 'CELLULAR TUMOR ANTIGEN P53'
2 non-polymer 'ZINC ION'
3 water water
#
_entity_poly.entity_id   1
_entity_poly.type   'polypeptide(L)'
_entity_poly.pdbx_seq_one_letter_code
;GGSEEIFTLQVRGRERYEILKKLNDSLELSDVVPASDAEKYRQKFMTK
;
_entity_poly.pdbx_strand_id   A,B,C,D,E,F,G,H,I,J,K,L
#
loop_
_chem_comp.id
_chem_comp.type
_chem_comp.name
_chem_comp.formula
ZN non-polymer 'ZINC ION' 'Zn 2'
#
# COMPACT_ATOMS: atom_id res chain seq x y z
N GLU A 5 13.80 -19.99 -21.60
CA GLU A 5 13.83 -19.22 -22.89
C GLU A 5 14.76 -17.99 -22.76
N ILE A 6 15.85 -17.99 -23.53
CA ILE A 6 16.89 -16.98 -23.40
C ILE A 6 16.73 -15.94 -24.52
N PHE A 7 16.57 -14.67 -24.12
CA PHE A 7 16.52 -13.56 -25.04
C PHE A 7 17.81 -12.80 -24.91
N THR A 8 18.16 -12.07 -25.96
CA THR A 8 19.39 -11.31 -25.94
C THR A 8 19.14 -9.84 -26.33
N LEU A 9 19.84 -8.94 -25.64
CA LEU A 9 19.66 -7.51 -25.80
C LEU A 9 21.00 -6.88 -26.19
N GLN A 10 21.00 -5.97 -27.16
CA GLN A 10 22.21 -5.17 -27.49
C GLN A 10 22.17 -3.83 -26.75
N VAL A 11 23.19 -3.57 -25.94
CA VAL A 11 23.24 -2.37 -25.08
C VAL A 11 24.43 -1.50 -25.47
N ARG A 12 24.18 -0.23 -25.78
CA ARG A 12 25.25 0.74 -26.12
C ARG A 12 25.87 1.39 -24.90
N GLY A 13 27.17 1.20 -24.70
CA GLY A 13 27.91 1.87 -23.62
C GLY A 13 28.05 0.97 -22.43
N ARG A 14 29.24 0.96 -21.85
CA ARG A 14 29.59 0.09 -20.72
C ARG A 14 28.71 0.41 -19.48
N GLU A 15 28.56 1.68 -19.13
CA GLU A 15 27.85 1.96 -17.90
C GLU A 15 26.41 1.54 -17.98
N ARG A 16 25.78 1.83 -19.11
CA ARG A 16 24.43 1.43 -19.34
C ARG A 16 24.27 -0.08 -19.26
N TYR A 17 25.26 -0.80 -19.74
CA TYR A 17 25.28 -2.25 -19.67
C TYR A 17 25.41 -2.73 -18.20
N GLU A 18 26.36 -2.17 -17.45
CA GLU A 18 26.50 -2.54 -16.04
C GLU A 18 25.17 -2.29 -15.27
N ILE A 19 24.49 -1.19 -15.60
CA ILE A 19 23.21 -0.87 -14.94
C ILE A 19 22.11 -1.87 -15.31
N LEU A 20 22.01 -2.22 -16.60
CA LEU A 20 20.97 -3.11 -17.02
C LEU A 20 21.31 -4.54 -16.54
N LYS A 21 22.59 -4.87 -16.47
CA LYS A 21 23.03 -6.14 -15.89
C LYS A 21 22.59 -6.24 -14.43
N LYS A 22 22.86 -5.17 -13.65
CA LYS A 22 22.43 -5.06 -12.26
C LYS A 22 20.91 -5.19 -12.14
N LEU A 23 20.15 -4.50 -12.98
CA LEU A 23 18.72 -4.64 -12.86
C LEU A 23 18.24 -6.06 -13.19
N ASN A 24 18.88 -6.69 -14.14
CA ASN A 24 18.55 -8.04 -14.50
C ASN A 24 18.84 -8.98 -13.32
N ASP A 25 20.01 -8.86 -12.73
CA ASP A 25 20.37 -9.72 -11.63
C ASP A 25 19.41 -9.54 -10.48
N SER A 26 19.01 -8.31 -10.25
CA SER A 26 18.15 -8.01 -9.15
C SER A 26 16.74 -8.57 -9.45
N LEU A 27 16.24 -8.42 -10.68
CA LEU A 27 14.94 -8.98 -11.06
C LEU A 27 14.95 -10.51 -10.98
N GLU A 28 16.07 -11.12 -11.33
CA GLU A 28 16.26 -12.55 -11.18
C GLU A 28 16.07 -12.93 -9.69
N LEU A 29 16.72 -12.19 -8.80
CA LEU A 29 16.65 -12.53 -7.39
C LEU A 29 15.21 -12.49 -6.90
N SER A 30 14.46 -11.50 -7.37
CA SER A 30 13.07 -11.29 -6.96
C SER A 30 12.14 -12.43 -7.35
N ASP A 31 12.43 -13.03 -8.48
CA ASP A 31 11.66 -14.15 -8.96
C ASP A 31 12.00 -15.51 -8.29
N VAL A 32 13.17 -15.61 -7.63
CA VAL A 32 13.56 -16.89 -6.99
C VAL A 32 13.38 -16.91 -5.46
N VAL A 33 13.21 -15.75 -4.86
CA VAL A 33 12.97 -15.62 -3.43
C VAL A 33 11.45 -15.62 -3.15
N PRO A 34 10.98 -16.56 -2.32
CA PRO A 34 9.57 -16.62 -1.97
C PRO A 34 9.15 -15.29 -1.38
N ALA A 35 7.96 -14.81 -1.75
CA ALA A 35 7.43 -13.58 -1.13
C ALA A 35 7.56 -13.60 0.40
N SER A 36 7.20 -14.70 1.03
CA SER A 36 7.39 -14.90 2.49
C SER A 36 8.80 -14.62 3.01
N ASP A 37 9.82 -15.09 2.29
CA ASP A 37 11.21 -14.89 2.72
C ASP A 37 11.63 -13.44 2.47
N ALA A 38 11.19 -12.88 1.33
CA ALA A 38 11.46 -11.50 1.00
C ALA A 38 10.92 -10.55 2.07
N GLU A 39 9.69 -10.77 2.52
CA GLU A 39 9.08 -9.98 3.61
C GLU A 39 9.92 -10.06 4.91
N LYS A 40 10.51 -11.21 5.19
CA LYS A 40 11.40 -11.34 6.36
C LYS A 40 12.68 -10.49 6.22
N TYR A 41 13.38 -10.62 5.09
CA TYR A 41 14.64 -9.87 4.90
C TYR A 41 14.50 -8.33 5.00
N ARG A 42 13.40 -7.77 4.46
CA ARG A 42 13.19 -6.32 4.48
C ARG A 42 12.93 -5.72 5.88
N GLU B 5 31.34 1.19 -27.86
CA GLU B 5 31.29 -0.20 -27.31
C GLU B 5 29.82 -0.65 -27.18
N ILE B 6 29.56 -1.85 -27.67
CA ILE B 6 28.22 -2.41 -27.72
C ILE B 6 28.32 -3.77 -27.04
N PHE B 7 27.40 -4.04 -26.12
CA PHE B 7 27.46 -5.26 -25.33
C PHE B 7 26.15 -6.04 -25.49
N THR B 8 26.22 -7.34 -25.26
CA THR B 8 25.12 -8.27 -25.36
C THR B 8 24.80 -8.72 -23.94
N LEU B 9 23.54 -8.55 -23.57
CA LEU B 9 23.01 -8.98 -22.30
C LEU B 9 21.98 -10.10 -22.55
N GLN B 10 22.14 -11.23 -21.87
CA GLN B 10 21.16 -12.30 -21.97
C GLN B 10 20.16 -12.29 -20.83
N VAL B 11 18.89 -12.42 -21.19
CA VAL B 11 17.80 -12.29 -20.25
C VAL B 11 16.97 -13.55 -20.38
N ARG B 12 16.56 -14.05 -19.22
CA ARG B 12 15.87 -15.30 -19.09
C ARG B 12 14.40 -14.96 -18.88
N GLY B 13 13.54 -15.41 -19.79
CA GLY B 13 12.11 -15.17 -19.68
C GLY B 13 11.64 -13.91 -20.39
N ARG B 14 10.50 -14.04 -21.05
CA ARG B 14 9.93 -13.01 -21.87
C ARG B 14 9.58 -11.79 -21.03
N GLU B 15 9.09 -11.98 -19.81
CA GLU B 15 8.63 -10.86 -18.97
C GLU B 15 9.79 -9.93 -18.57
N ARG B 16 10.87 -10.52 -18.09
CA ARG B 16 12.06 -9.80 -17.81
C ARG B 16 12.60 -9.12 -19.08
N TYR B 17 12.59 -9.84 -20.19
CA TYR B 17 13.14 -9.33 -21.41
C TYR B 17 12.37 -8.07 -21.88
N GLU B 18 11.04 -8.13 -21.80
CA GLU B 18 10.19 -6.99 -22.17
C GLU B 18 10.42 -5.78 -21.27
N ILE B 19 10.67 -5.97 -19.99
CA ILE B 19 10.95 -4.84 -19.12
C ILE B 19 12.29 -4.17 -19.51
N LEU B 20 13.34 -4.96 -19.63
CA LEU B 20 14.66 -4.45 -19.95
C LEU B 20 14.77 -3.88 -21.39
N LYS B 21 14.15 -4.55 -22.35
CA LYS B 21 14.07 -4.00 -23.72
C LYS B 21 13.38 -2.62 -23.72
N LYS B 22 12.32 -2.48 -22.94
CA LYS B 22 11.67 -1.17 -22.84
C LYS B 22 12.57 -0.10 -22.21
N LEU B 23 13.39 -0.48 -21.22
CA LEU B 23 14.31 0.49 -20.62
C LEU B 23 15.41 0.81 -21.64
N ASN B 24 15.92 -0.20 -22.32
CA ASN B 24 17.01 0.02 -23.24
C ASN B 24 16.57 0.88 -24.43
N ASP B 25 15.44 0.56 -25.03
CA ASP B 25 14.95 1.32 -26.18
C ASP B 25 14.66 2.75 -25.78
N SER B 26 14.09 3.01 -24.61
CA SER B 26 13.80 4.40 -24.23
C SER B 26 15.07 5.22 -23.94
N LEU B 27 16.11 4.60 -23.41
CA LEU B 27 17.37 5.32 -23.19
C LEU B 27 18.06 5.71 -24.51
N GLU B 28 18.01 4.81 -25.48
CA GLU B 28 18.52 5.07 -26.83
C GLU B 28 17.76 6.17 -27.55
N LEU B 29 16.45 6.20 -27.35
CA LEU B 29 15.67 7.28 -27.93
C LEU B 29 16.10 8.61 -27.29
N SER B 30 16.33 8.62 -25.98
CA SER B 30 16.73 9.85 -25.29
C SER B 30 18.09 10.37 -25.79
N ASP B 31 18.94 9.47 -26.27
CA ASP B 31 20.21 9.82 -26.90
C ASP B 31 20.08 10.58 -28.21
N VAL B 32 19.06 10.27 -29.00
CA VAL B 32 18.97 10.78 -30.37
C VAL B 32 17.95 11.87 -30.58
N VAL B 33 17.12 12.12 -29.55
CA VAL B 33 16.14 13.19 -29.66
C VAL B 33 16.84 14.42 -29.07
N PRO B 34 17.03 15.48 -29.86
CA PRO B 34 17.73 16.64 -29.27
C PRO B 34 16.92 17.25 -28.13
N ALA B 35 17.61 17.61 -27.05
CA ALA B 35 16.97 18.17 -25.87
C ALA B 35 15.98 19.26 -26.24
N SER B 36 16.28 19.97 -27.33
CA SER B 36 15.38 20.97 -27.89
C SER B 36 14.04 20.32 -28.18
N ASP B 37 14.02 19.42 -29.18
CA ASP B 37 12.79 18.79 -29.65
C ASP B 37 12.09 18.05 -28.53
N ALA B 38 12.88 17.48 -27.61
CA ALA B 38 12.34 16.77 -26.45
C ALA B 38 11.38 17.66 -25.67
N GLU B 39 11.82 18.88 -25.36
CA GLU B 39 10.98 19.88 -24.69
C GLU B 39 9.66 20.13 -25.44
N LYS B 40 9.74 20.29 -26.76
CA LYS B 40 8.54 20.52 -27.59
C LYS B 40 7.53 19.39 -27.46
N TYR B 41 8.01 18.15 -27.40
CA TYR B 41 7.14 16.97 -27.21
C TYR B 41 6.50 16.90 -25.83
N ARG B 42 7.27 17.23 -24.78
CA ARG B 42 6.75 17.22 -23.41
C ARG B 42 5.67 18.28 -23.14
N GLN B 43 5.63 19.36 -23.94
CA GLN B 43 4.54 20.35 -23.84
C GLN B 43 3.22 19.80 -24.39
N LYS B 44 3.25 19.38 -25.66
CA LYS B 44 2.12 18.72 -26.32
C LYS B 44 2.23 17.19 -26.24
N GLU C 4 -3.41 12.21 -15.78
CA GLU C 4 -3.31 10.77 -15.42
C GLU C 4 -2.91 10.58 -13.95
N GLU C 5 -3.13 9.37 -13.42
CA GLU C 5 -2.79 9.02 -12.03
C GLU C 5 -1.30 9.31 -11.74
N ILE C 6 -1.05 10.20 -10.78
CA ILE C 6 0.29 10.53 -10.31
C ILE C 6 0.63 9.70 -9.05
N PHE C 7 1.86 9.24 -8.99
CA PHE C 7 2.36 8.42 -7.89
C PHE C 7 3.70 8.93 -7.39
N THR C 8 4.07 8.53 -6.18
CA THR C 8 5.35 8.90 -5.58
C THR C 8 6.13 7.63 -5.16
N LEU C 9 7.45 7.61 -5.36
CA LEU C 9 8.29 6.49 -4.90
C LEU C 9 9.37 6.90 -3.92
N GLN C 10 9.56 6.08 -2.90
CA GLN C 10 10.65 6.27 -1.96
C GLN C 10 11.91 5.52 -2.39
N VAL C 11 12.99 6.25 -2.66
CA VAL C 11 14.18 5.67 -3.22
C VAL C 11 15.36 5.92 -2.31
N ARG C 12 16.17 4.88 -2.03
CA ARG C 12 17.30 4.97 -1.10
C ARG C 12 18.60 5.05 -1.87
N GLY C 13 19.41 6.07 -1.57
CA GLY C 13 20.71 6.24 -2.23
C GLY C 13 20.58 7.14 -3.44
N ARG C 14 21.64 7.91 -3.67
CA ARG C 14 21.63 9.03 -4.60
C ARG C 14 21.81 8.56 -6.04
N GLU C 15 22.77 7.69 -6.28
CA GLU C 15 22.99 7.26 -7.66
C GLU C 15 21.77 6.36 -8.08
N ARG C 16 21.11 5.69 -7.13
CA ARG C 16 19.90 4.93 -7.45
C ARG C 16 18.70 5.81 -7.85
N TYR C 17 18.48 6.88 -7.08
CA TYR C 17 17.50 7.86 -7.42
C TYR C 17 17.80 8.50 -8.79
N GLU C 18 19.06 8.84 -9.04
CA GLU C 18 19.43 9.47 -10.31
C GLU C 18 19.19 8.49 -11.50
N ILE C 19 19.46 7.21 -11.29
CA ILE C 19 19.16 6.18 -12.31
C ILE C 19 17.66 6.03 -12.61
N LEU C 20 16.84 5.90 -11.55
CA LEU C 20 15.39 5.82 -11.71
C LEU C 20 14.74 7.10 -12.25
N LYS C 21 15.31 8.24 -11.94
CA LYS C 21 14.84 9.50 -12.49
C LYS C 21 15.15 9.60 -14.00
N LYS C 22 16.34 9.21 -14.39
CA LYS C 22 16.70 9.08 -15.80
C LYS C 22 15.76 8.08 -16.52
N LEU C 23 15.52 6.92 -15.92
CA LEU C 23 14.59 5.99 -16.50
C LEU C 23 13.21 6.61 -16.64
N ASN C 24 12.74 7.27 -15.58
CA ASN C 24 11.44 7.87 -15.65
C ASN C 24 11.34 8.88 -16.77
N ASP C 25 12.32 9.77 -16.87
CA ASP C 25 12.33 10.79 -17.89
C ASP C 25 12.36 10.15 -19.28
N SER C 26 13.15 9.10 -19.48
CA SER C 26 13.21 8.40 -20.77
C SER C 26 11.90 7.71 -21.15
N LEU C 27 11.27 7.02 -20.21
CA LEU C 27 9.96 6.40 -20.49
C LEU C 27 8.92 7.46 -20.85
N GLU C 28 8.98 8.62 -20.18
CA GLU C 28 8.10 9.73 -20.53
C GLU C 28 8.25 10.12 -22.01
N LEU C 29 9.50 10.25 -22.44
CA LEU C 29 9.81 10.68 -23.78
C LEU C 29 9.27 9.67 -24.78
N SER C 30 9.48 8.40 -24.52
CA SER C 30 8.92 7.36 -25.39
C SER C 30 7.39 7.37 -25.51
N ASP C 31 6.72 7.91 -24.50
CA ASP C 31 5.25 8.08 -24.51
C ASP C 31 4.77 9.29 -25.30
N VAL C 32 5.64 10.24 -25.60
CA VAL C 32 5.18 11.43 -26.30
C VAL C 32 5.79 11.59 -27.69
N VAL C 33 6.81 10.80 -28.05
CA VAL C 33 7.38 10.88 -29.42
C VAL C 33 6.63 9.88 -30.32
N PRO C 34 6.04 10.35 -31.44
CA PRO C 34 5.40 9.39 -32.36
C PRO C 34 6.37 8.38 -32.94
N ALA C 35 5.83 7.22 -33.33
CA ALA C 35 6.59 6.12 -33.86
C ALA C 35 7.52 6.52 -34.99
N SER C 36 7.00 7.26 -35.95
CA SER C 36 7.78 7.65 -37.13
C SER C 36 8.90 8.63 -36.82
N ASP C 37 8.62 9.62 -35.95
CA ASP C 37 9.65 10.57 -35.52
C ASP C 37 10.76 9.82 -34.83
N ALA C 38 10.38 8.92 -33.91
CA ALA C 38 11.35 8.03 -33.28
C ALA C 38 12.17 7.29 -34.33
N GLU C 39 11.52 6.69 -35.32
CA GLU C 39 12.25 6.03 -36.44
C GLU C 39 13.24 6.99 -37.16
N LYS C 40 12.78 8.20 -37.49
CA LYS C 40 13.67 9.23 -38.06
C LYS C 40 14.90 9.49 -37.19
N TYR C 41 14.69 9.77 -35.90
CA TYR C 41 15.80 10.06 -35.00
C TYR C 41 16.76 8.90 -34.84
N ARG C 42 16.25 7.69 -34.85
CA ARG C 42 17.14 6.54 -34.76
C ARG C 42 18.04 6.40 -35.99
N GLN C 43 17.74 7.13 -37.06
CA GLN C 43 18.58 7.27 -38.27
C GLN C 43 18.48 6.02 -39.13
N GLU D 5 18.77 8.75 3.98
CA GLU D 5 19.22 9.29 2.64
C GLU D 5 18.22 8.84 1.58
N ILE D 6 16.96 9.11 1.86
CA ILE D 6 15.81 8.60 1.13
C ILE D 6 15.25 9.70 0.22
N PHE D 7 15.24 9.49 -1.09
CA PHE D 7 14.75 10.48 -2.06
C PHE D 7 13.31 10.18 -2.45
N THR D 8 12.60 11.21 -2.95
CA THR D 8 11.24 11.11 -3.40
C THR D 8 11.16 11.33 -4.92
N LEU D 9 10.67 10.34 -5.66
CA LEU D 9 10.64 10.42 -7.11
C LEU D 9 9.19 10.51 -7.53
N GLN D 10 8.83 11.58 -8.22
CA GLN D 10 7.47 11.71 -8.75
C GLN D 10 7.36 11.08 -10.13
N VAL D 11 6.32 10.26 -10.28
CA VAL D 11 6.04 9.56 -11.48
C VAL D 11 4.59 9.85 -11.97
N ARG D 12 4.44 10.11 -13.26
CA ARG D 12 3.14 10.37 -13.88
C ARG D 12 2.66 9.12 -14.64
N GLY D 13 1.54 8.55 -14.22
CA GLY D 13 0.92 7.43 -14.91
C GLY D 13 1.25 6.10 -14.29
N ARG D 14 0.31 5.15 -14.38
CA ARG D 14 0.40 3.86 -13.70
C ARG D 14 1.36 2.89 -14.38
N GLU D 15 1.45 2.98 -15.71
CA GLU D 15 2.28 2.06 -16.48
C GLU D 15 3.76 2.23 -16.05
N ARG D 16 4.12 3.50 -15.84
CA ARG D 16 5.49 3.92 -15.55
C ARG D 16 5.82 3.66 -14.08
N TYR D 17 4.86 3.93 -13.21
CA TYR D 17 5.01 3.69 -11.77
C TYR D 17 5.27 2.22 -11.44
N GLU D 18 4.49 1.36 -12.09
CA GLU D 18 4.59 -0.10 -11.99
C GLU D 18 6.00 -0.60 -12.26
N ILE D 19 6.51 -0.21 -13.43
CA ILE D 19 7.84 -0.58 -13.85
C ILE D 19 8.86 -0.08 -12.84
N LEU D 20 8.75 1.19 -12.49
CA LEU D 20 9.76 1.79 -11.59
C LEU D 20 9.74 1.25 -10.17
N LYS D 21 8.54 0.96 -9.63
CA LYS D 21 8.35 0.35 -8.32
C LYS D 21 8.88 -1.08 -8.34
N LYS D 22 8.64 -1.77 -9.45
CA LYS D 22 9.16 -3.11 -9.57
C LYS D 22 10.68 -3.09 -9.55
N LEU D 23 11.31 -2.16 -10.25
CA LEU D 23 12.78 -2.06 -10.22
C LEU D 23 13.30 -1.68 -8.82
N ASN D 24 12.68 -0.67 -8.22
CA ASN D 24 13.05 -0.20 -6.91
C ASN D 24 12.91 -1.29 -5.85
N ASP D 25 11.77 -1.99 -5.84
CA ASP D 25 11.57 -3.07 -4.86
C ASP D 25 12.60 -4.19 -5.05
N SER D 26 12.92 -4.53 -6.29
CA SER D 26 13.90 -5.56 -6.51
C SER D 26 15.29 -5.10 -6.06
N LEU D 27 15.65 -3.86 -6.34
CA LEU D 27 16.91 -3.34 -5.82
C LEU D 27 17.01 -3.25 -4.28
N GLU D 28 15.88 -2.99 -3.61
CA GLU D 28 15.86 -3.02 -2.13
C GLU D 28 16.02 -4.44 -1.60
N LEU D 29 15.46 -5.42 -2.32
CA LEU D 29 15.70 -6.83 -1.99
C LEU D 29 17.16 -7.21 -2.14
N SER D 30 17.77 -6.90 -3.28
CA SER D 30 19.21 -7.17 -3.45
C SER D 30 20.05 -6.63 -2.27
N ASP D 31 19.60 -5.53 -1.69
CA ASP D 31 20.30 -4.89 -0.59
C ASP D 31 20.19 -5.63 0.75
N VAL D 32 19.07 -6.30 1.02
CA VAL D 32 18.82 -6.95 2.33
C VAL D 32 19.11 -8.46 2.34
N VAL D 33 19.30 -9.07 1.18
CA VAL D 33 19.61 -10.47 1.12
C VAL D 33 21.14 -10.66 1.19
N PRO D 34 21.65 -11.23 2.31
CA PRO D 34 23.09 -11.52 2.41
C PRO D 34 23.61 -12.21 1.15
N ALA D 35 24.80 -11.81 0.70
CA ALA D 35 25.37 -12.31 -0.53
C ALA D 35 25.28 -13.83 -0.66
N SER D 36 25.58 -14.55 0.42
CA SER D 36 25.64 -16.02 0.38
C SER D 36 24.23 -16.62 0.20
N ASP D 37 23.23 -16.06 0.89
CA ASP D 37 21.83 -16.43 0.65
C ASP D 37 21.42 -16.18 -0.83
N ALA D 38 21.74 -15.00 -1.35
CA ALA D 38 21.39 -14.67 -2.77
C ALA D 38 21.83 -15.77 -3.76
N GLU D 39 23.08 -16.20 -3.62
CA GLU D 39 23.65 -17.21 -4.53
C GLU D 39 22.92 -18.57 -4.38
N LYS D 40 22.60 -18.92 -3.14
CA LYS D 40 21.85 -20.15 -2.87
C LYS D 40 20.54 -20.12 -3.65
N TYR D 41 19.77 -19.06 -3.46
CA TYR D 41 18.52 -18.88 -4.20
C TYR D 41 18.67 -18.92 -5.72
N ARG D 42 19.67 -18.23 -6.26
CA ARG D 42 19.89 -18.29 -7.70
C ARG D 42 20.07 -19.74 -8.19
N GLN D 43 20.77 -20.53 -7.39
CA GLN D 43 21.00 -21.92 -7.73
C GLN D 43 19.88 -22.76 -7.16
N GLU E 5 -10.15 4.14 -15.71
CA GLU E 5 -10.34 3.30 -16.93
C GLU E 5 -10.83 1.90 -16.55
N ILE E 6 -10.47 0.89 -17.34
CA ILE E 6 -11.06 -0.41 -17.25
C ILE E 6 -9.98 -1.45 -17.46
N PHE E 7 -9.95 -2.44 -16.58
CA PHE E 7 -9.09 -3.59 -16.74
C PHE E 7 -10.01 -4.80 -16.92
N THR E 8 -9.48 -5.85 -17.50
CA THR E 8 -10.23 -7.07 -17.66
C THR E 8 -9.43 -8.24 -17.16
N LEU E 9 -10.16 -9.28 -16.75
CA LEU E 9 -9.58 -10.42 -16.11
C LEU E 9 -10.16 -11.69 -16.74
N GLN E 10 -9.31 -12.62 -17.15
CA GLN E 10 -9.79 -13.96 -17.56
C GLN E 10 -9.93 -14.89 -16.33
N VAL E 11 -11.16 -15.24 -15.99
CA VAL E 11 -11.46 -16.10 -14.86
C VAL E 11 -11.97 -17.46 -15.34
N ARG E 12 -11.36 -18.55 -14.87
CA ARG E 12 -11.75 -19.93 -15.24
C ARG E 12 -12.83 -20.51 -14.31
N GLY E 13 -14.02 -20.84 -14.87
CA GLY E 13 -15.14 -21.46 -14.17
C GLY E 13 -16.26 -20.52 -13.78
N ARG E 14 -17.52 -20.96 -13.94
CA ARG E 14 -18.68 -20.17 -13.47
C ARG E 14 -18.57 -19.78 -11.98
N GLU E 15 -18.26 -20.77 -11.13
CA GLU E 15 -18.25 -20.54 -9.68
C GLU E 15 -17.23 -19.48 -9.30
N ARG E 16 -16.02 -19.61 -9.85
CA ARG E 16 -14.97 -18.66 -9.56
C ARG E 16 -15.33 -17.28 -10.08
N TYR E 17 -15.95 -17.24 -11.25
CA TYR E 17 -16.39 -15.98 -11.82
C TYR E 17 -17.43 -15.29 -10.90
N GLU E 18 -18.43 -16.02 -10.44
CA GLU E 18 -19.44 -15.47 -9.55
C GLU E 18 -18.87 -14.92 -8.23
N ILE E 19 -17.87 -15.62 -7.71
CA ILE E 19 -17.17 -15.19 -6.50
C ILE E 19 -16.40 -13.92 -6.77
N LEU E 20 -15.58 -13.89 -7.82
CA LEU E 20 -14.80 -12.70 -8.07
C LEU E 20 -15.68 -11.50 -8.44
N LYS E 21 -16.80 -11.75 -9.12
CA LYS E 21 -17.75 -10.70 -9.49
C LYS E 21 -18.41 -10.10 -8.25
N LYS E 22 -18.92 -10.97 -7.38
CA LYS E 22 -19.47 -10.52 -6.12
C LYS E 22 -18.43 -9.69 -5.30
N LEU E 23 -17.17 -10.14 -5.25
CA LEU E 23 -16.13 -9.38 -4.58
C LEU E 23 -15.88 -8.04 -5.23
N ASN E 24 -15.86 -8.04 -6.56
CA ASN E 24 -15.69 -6.82 -7.28
C ASN E 24 -16.78 -5.80 -6.96
N ASP E 25 -18.05 -6.24 -6.99
CA ASP E 25 -19.17 -5.35 -6.69
C ASP E 25 -19.17 -4.85 -5.24
N SER E 26 -18.75 -5.72 -4.33
CA SER E 26 -18.65 -5.36 -2.91
C SER E 26 -17.58 -4.34 -2.64
N LEU E 27 -16.43 -4.48 -3.28
CA LEU E 27 -15.34 -3.48 -3.15
C LEU E 27 -15.74 -2.15 -3.77
N GLU E 28 -16.39 -2.21 -4.91
CA GLU E 28 -16.95 -1.00 -5.51
C GLU E 28 -17.82 -0.26 -4.50
N LEU E 29 -18.80 -0.96 -3.90
CA LEU E 29 -19.69 -0.35 -2.92
C LEU E 29 -18.95 0.27 -1.74
N SER E 30 -18.03 -0.49 -1.15
CA SER E 30 -17.16 0.04 -0.12
C SER E 30 -16.43 1.31 -0.51
N ASP E 31 -15.99 1.42 -1.76
CA ASP E 31 -15.30 2.63 -2.15
C ASP E 31 -16.18 3.89 -2.26
N VAL E 32 -17.46 3.73 -2.52
CA VAL E 32 -18.31 4.92 -2.71
C VAL E 32 -19.22 5.26 -1.51
N VAL E 33 -19.32 4.36 -0.51
CA VAL E 33 -20.03 4.67 0.72
C VAL E 33 -19.09 5.25 1.80
N PRO E 34 -19.40 6.44 2.32
CA PRO E 34 -18.60 7.00 3.41
C PRO E 34 -18.60 6.10 4.65
N ALA E 35 -17.47 5.98 5.34
CA ALA E 35 -17.38 5.18 6.56
C ALA E 35 -18.50 5.52 7.54
N SER E 36 -18.80 6.80 7.71
CA SER E 36 -19.89 7.21 8.60
C SER E 36 -21.23 6.56 8.21
N ASP E 37 -21.52 6.53 6.90
CA ASP E 37 -22.73 5.90 6.39
C ASP E 37 -22.67 4.42 6.59
N ALA E 38 -21.51 3.83 6.36
CA ALA E 38 -21.30 2.40 6.61
C ALA E 38 -21.67 1.98 8.02
N GLU E 39 -21.16 2.67 9.02
CA GLU E 39 -21.44 2.31 10.40
C GLU E 39 -22.91 2.50 10.74
N LYS E 40 -23.56 3.46 10.10
CA LYS E 40 -25.00 3.61 10.28
C LYS E 40 -25.76 2.40 9.74
N TYR E 41 -25.36 1.89 8.58
CA TYR E 41 -25.96 0.67 8.07
C TYR E 41 -25.59 -0.56 8.92
N ARG E 42 -24.31 -0.71 9.29
CA ARG E 42 -23.83 -1.85 10.13
C ARG E 42 -24.53 -1.93 11.49
N GLN E 43 -24.91 -0.78 12.03
CA GLN E 43 -25.52 -0.77 13.35
C GLN E 43 -27.02 -1.09 13.27
N LYS E 44 -27.69 -0.52 12.27
CA LYS E 44 -29.15 -0.58 12.20
C LYS E 44 -29.70 -1.87 11.58
N PHE E 45 -28.92 -2.52 10.71
CA PHE E 45 -29.35 -3.77 10.06
C PHE E 45 -28.58 -5.01 10.57
N MET E 46 -28.15 -5.00 11.83
CA MET E 46 -27.37 -6.10 12.39
C MET E 46 -27.34 -6.04 13.92
N GLU F 5 -14.51 -22.84 -20.57
CA GLU F 5 -15.36 -22.45 -19.42
C GLU F 5 -14.86 -21.08 -18.89
N ILE F 6 -14.61 -20.16 -19.80
CA ILE F 6 -13.85 -18.95 -19.52
C ILE F 6 -14.73 -17.70 -19.59
N PHE F 7 -14.49 -16.82 -18.63
CA PHE F 7 -15.19 -15.58 -18.52
C PHE F 7 -14.14 -14.48 -18.40
N THR F 8 -14.53 -13.26 -18.74
CA THR F 8 -13.72 -12.09 -18.49
C THR F 8 -14.52 -11.18 -17.54
N LEU F 9 -13.80 -10.65 -16.56
CA LEU F 9 -14.38 -9.79 -15.55
C LEU F 9 -13.92 -8.36 -15.81
N GLN F 10 -14.85 -7.42 -15.79
CA GLN F 10 -14.52 -6.01 -15.92
C GLN F 10 -14.25 -5.38 -14.56
N VAL F 11 -13.05 -4.83 -14.40
CA VAL F 11 -12.67 -4.19 -13.15
C VAL F 11 -12.42 -2.70 -13.35
N ARG F 12 -13.07 -1.89 -12.51
CA ARG F 12 -13.06 -0.44 -12.57
C ARG F 12 -12.06 0.12 -11.56
N GLY F 13 -10.86 0.49 -12.02
CA GLY F 13 -9.84 1.08 -11.14
C GLY F 13 -8.66 0.16 -10.91
N ARG F 14 -7.48 0.74 -10.70
CA ARG F 14 -6.25 -0.04 -10.55
C ARG F 14 -6.17 -0.84 -9.21
N GLU F 15 -6.66 -0.26 -8.12
CA GLU F 15 -6.54 -0.89 -6.79
C GLU F 15 -7.36 -2.19 -6.74
N ARG F 16 -8.57 -2.13 -7.30
CA ARG F 16 -9.41 -3.31 -7.39
C ARG F 16 -8.85 -4.34 -8.35
N TYR F 17 -8.33 -3.89 -9.48
CA TYR F 17 -7.68 -4.79 -10.41
C TYR F 17 -6.58 -5.61 -9.73
N GLU F 18 -5.69 -4.97 -8.98
CA GLU F 18 -4.53 -5.65 -8.36
C GLU F 18 -4.96 -6.65 -7.31
N ILE F 19 -5.88 -6.24 -6.44
CA ILE F 19 -6.51 -7.17 -5.49
C ILE F 19 -7.08 -8.38 -6.24
N LEU F 20 -7.91 -8.14 -7.26
CA LEU F 20 -8.66 -9.24 -7.88
C LEU F 20 -7.79 -10.09 -8.78
N LYS F 21 -6.81 -9.48 -9.48
CA LYS F 21 -5.77 -10.21 -10.19
C LYS F 21 -5.00 -11.12 -9.23
N LYS F 22 -4.62 -10.58 -8.07
CA LYS F 22 -3.85 -11.34 -7.09
C LYS F 22 -4.59 -12.58 -6.62
N LEU F 23 -5.90 -12.44 -6.38
CA LEU F 23 -6.68 -13.54 -5.87
C LEU F 23 -6.82 -14.56 -6.98
N ASN F 24 -7.02 -14.08 -8.20
CA ASN F 24 -7.26 -14.96 -9.30
C ASN F 24 -6.02 -15.78 -9.61
N ASP F 25 -4.89 -15.10 -9.69
CA ASP F 25 -3.58 -15.74 -9.92
C ASP F 25 -3.28 -16.79 -8.83
N SER F 26 -3.62 -16.46 -7.60
CA SER F 26 -3.43 -17.36 -6.48
C SER F 26 -4.30 -18.61 -6.61
N LEU F 27 -5.59 -18.46 -6.92
CA LEU F 27 -6.44 -19.65 -7.07
C LEU F 27 -5.97 -20.56 -8.21
N GLU F 28 -5.56 -19.97 -9.34
CA GLU F 28 -5.05 -20.75 -10.49
C GLU F 28 -3.81 -21.50 -10.10
N LEU F 29 -2.99 -20.88 -9.26
CA LEU F 29 -1.77 -21.48 -8.81
C LEU F 29 -2.08 -22.76 -8.02
N SER F 30 -3.07 -22.68 -7.12
CA SER F 30 -3.48 -23.85 -6.34
C SER F 30 -4.03 -25.00 -7.20
N ASP F 31 -4.53 -24.67 -8.39
CA ASP F 31 -5.03 -25.68 -9.32
C ASP F 31 -3.93 -26.38 -10.10
N VAL F 32 -2.70 -25.88 -10.04
CA VAL F 32 -1.61 -26.51 -10.81
C VAL F 32 -0.40 -26.96 -10.00
N VAL F 33 -0.35 -26.68 -8.70
CA VAL F 33 0.70 -27.19 -7.84
C VAL F 33 0.19 -28.46 -7.17
N PRO F 34 0.96 -29.57 -7.27
CA PRO F 34 0.56 -30.84 -6.69
C PRO F 34 0.54 -30.78 -5.19
N ALA F 35 -0.34 -31.59 -4.58
CA ALA F 35 -0.51 -31.56 -3.14
C ALA F 35 0.81 -31.77 -2.39
N SER F 36 1.59 -32.77 -2.79
CA SER F 36 2.86 -33.06 -2.09
C SER F 36 3.82 -31.86 -2.17
N ASP F 37 3.89 -31.25 -3.35
CA ASP F 37 4.74 -30.07 -3.59
C ASP F 37 4.31 -28.85 -2.78
N ALA F 38 3.02 -28.58 -2.76
CA ALA F 38 2.50 -27.50 -1.94
C ALA F 38 2.92 -27.66 -0.48
N GLU F 39 2.82 -28.87 0.04
CA GLU F 39 3.23 -29.20 1.44
C GLU F 39 4.72 -28.88 1.63
N LYS F 40 5.59 -29.34 0.72
CA LYS F 40 7.03 -29.03 0.76
C LYS F 40 7.36 -27.54 0.90
N TYR F 41 6.73 -26.75 0.05
CA TYR F 41 6.84 -25.30 0.09
C TYR F 41 6.37 -24.67 1.39
N ARG F 42 5.28 -25.19 1.98
CA ARG F 42 4.83 -24.70 3.30
C ARG F 42 5.76 -25.13 4.44
N GLN F 43 6.25 -26.38 4.40
CA GLN F 43 7.23 -26.85 5.40
C GLN F 43 8.45 -25.93 5.41
N LYS F 44 9.07 -25.80 4.23
CA LYS F 44 10.30 -25.04 3.98
C LYS F 44 10.32 -23.63 4.58
N PHE F 45 9.20 -22.91 4.45
CA PHE F 45 9.12 -21.51 4.87
C PHE F 45 7.98 -21.30 5.88
N GLU G 4 4.88 -16.61 13.85
CA GLU G 4 4.37 -15.51 13.00
C GLU G 4 3.15 -14.85 13.64
N GLU G 5 2.93 -13.59 13.32
CA GLU G 5 1.80 -12.82 13.85
C GLU G 5 0.46 -13.43 13.35
N ILE G 6 -0.35 -13.90 14.30
CA ILE G 6 -1.57 -14.64 14.01
C ILE G 6 -2.73 -13.69 14.22
N PHE G 7 -3.73 -13.78 13.34
CA PHE G 7 -4.88 -12.90 13.43
C PHE G 7 -6.17 -13.70 13.35
N THR G 8 -7.27 -13.05 13.73
CA THR G 8 -8.58 -13.68 13.71
C THR G 8 -9.65 -12.81 12.99
N LEU G 9 -10.53 -13.46 12.24
CA LEU G 9 -11.68 -12.79 11.57
C LEU G 9 -12.94 -13.56 11.82
N GLN G 10 -13.98 -12.87 12.24
CA GLN G 10 -15.32 -13.48 12.32
C GLN G 10 -16.01 -13.37 10.94
N VAL G 11 -16.50 -14.50 10.44
CA VAL G 11 -17.10 -14.57 9.12
C VAL G 11 -18.55 -15.01 9.31
N ARG G 12 -19.48 -14.24 8.76
CA ARG G 12 -20.90 -14.58 8.84
C ARG G 12 -21.28 -15.48 7.68
N GLY G 13 -21.89 -16.64 7.97
CA GLY G 13 -22.31 -17.59 6.94
C GLY G 13 -21.23 -18.59 6.55
N ARG G 14 -21.68 -19.80 6.23
CA ARG G 14 -20.80 -20.93 6.02
C ARG G 14 -20.17 -20.88 4.63
N GLU G 15 -20.94 -20.48 3.64
CA GLU G 15 -20.44 -20.41 2.28
C GLU G 15 -19.32 -19.35 2.20
N ARG G 16 -19.51 -18.23 2.91
CA ARG G 16 -18.56 -17.15 2.86
C ARG G 16 -17.28 -17.56 3.56
N TYR G 17 -17.43 -18.26 4.68
CA TYR G 17 -16.26 -18.80 5.36
C TYR G 17 -15.47 -19.74 4.44
N GLU G 18 -16.18 -20.61 3.72
CA GLU G 18 -15.53 -21.53 2.80
C GLU G 18 -14.78 -20.78 1.70
N ILE G 19 -15.40 -19.75 1.14
CA ILE G 19 -14.75 -18.90 0.14
C ILE G 19 -13.52 -18.21 0.72
N LEU G 20 -13.66 -17.60 1.88
CA LEU G 20 -12.54 -16.88 2.47
C LEU G 20 -11.45 -17.85 2.97
N LYS G 21 -11.83 -19.04 3.42
CA LYS G 21 -10.82 -19.98 3.85
C LYS G 21 -9.96 -20.46 2.65
N LYS G 22 -10.63 -20.65 1.50
CA LYS G 22 -9.95 -21.03 0.27
C LYS G 22 -8.97 -19.92 -0.23
N LEU G 23 -9.38 -18.67 -0.10
CA LEU G 23 -8.53 -17.57 -0.49
C LEU G 23 -7.32 -17.52 0.39
N ASN G 24 -7.56 -17.62 1.69
CA ASN G 24 -6.46 -17.64 2.65
C ASN G 24 -5.44 -18.73 2.33
N ASP G 25 -5.90 -19.94 2.09
CA ASP G 25 -4.98 -21.02 1.83
C ASP G 25 -4.27 -20.80 0.50
N SER G 26 -4.97 -20.23 -0.48
CA SER G 26 -4.39 -19.95 -1.78
C SER G 26 -3.29 -18.88 -1.65
N LEU G 27 -3.63 -17.78 -1.00
CA LEU G 27 -2.63 -16.76 -0.69
C LEU G 27 -1.43 -17.32 0.11
N GLU G 28 -1.63 -18.24 1.03
CA GLU G 28 -0.50 -18.82 1.77
C GLU G 28 0.48 -19.49 0.82
N LEU G 29 -0.04 -20.26 -0.13
CA LEU G 29 0.81 -21.01 -1.06
C LEU G 29 1.60 -20.07 -1.99
N SER G 30 0.93 -19.04 -2.50
CA SER G 30 1.54 -18.03 -3.36
C SER G 30 2.69 -17.28 -2.70
N ASP G 31 2.59 -17.10 -1.41
CA ASP G 31 3.62 -16.46 -0.65
C ASP G 31 4.88 -17.33 -0.48
N VAL G 32 4.75 -18.64 -0.54
CA VAL G 32 5.89 -19.54 -0.33
C VAL G 32 6.47 -20.15 -1.61
N VAL G 33 5.75 -20.05 -2.73
CA VAL G 33 6.23 -20.52 -4.04
C VAL G 33 6.99 -19.36 -4.74
N PRO G 34 8.30 -19.52 -4.98
CA PRO G 34 9.01 -18.50 -5.79
C PRO G 34 8.28 -18.23 -7.07
N ALA G 35 8.23 -16.96 -7.52
CA ALA G 35 7.46 -16.62 -8.74
C ALA G 35 7.95 -17.42 -9.94
N SER G 36 9.25 -17.69 -9.97
CA SER G 36 9.81 -18.44 -11.09
C SER G 36 9.32 -19.93 -11.11
N ASP G 37 9.21 -20.56 -9.94
CA ASP G 37 8.53 -21.85 -9.86
C ASP G 37 7.09 -21.79 -10.31
N ALA G 38 6.39 -20.73 -9.92
CA ALA G 38 4.99 -20.59 -10.24
C ALA G 38 4.74 -20.45 -11.73
N GLU G 39 5.65 -19.81 -12.47
CA GLU G 39 5.41 -19.66 -13.91
C GLU G 39 5.61 -20.98 -14.65
N LYS G 40 6.47 -21.85 -14.13
CA LYS G 40 6.63 -23.21 -14.66
C LYS G 40 5.38 -24.11 -14.42
N TYR G 41 4.86 -24.13 -13.20
CA TYR G 41 3.61 -24.85 -12.92
C TYR G 41 2.49 -24.40 -13.86
N ARG G 42 2.35 -23.09 -14.07
CA ARG G 42 1.36 -22.57 -15.04
C ARG G 42 1.53 -23.13 -16.47
N GLN G 43 2.77 -23.29 -16.91
N GLU H 5 -24.90 -18.54 10.86
CA GLU H 5 -23.90 -18.92 11.91
C GLU H 5 -22.58 -18.20 11.70
N ILE H 6 -21.83 -18.07 12.79
CA ILE H 6 -20.60 -17.33 12.82
C ILE H 6 -19.41 -18.29 12.91
N PHE H 7 -18.37 -17.96 12.14
CA PHE H 7 -17.20 -18.78 12.02
C PHE H 7 -15.98 -17.92 12.35
N THR H 8 -14.90 -18.57 12.78
CA THR H 8 -13.69 -17.84 13.08
C THR H 8 -12.58 -18.32 12.13
N LEU H 9 -11.91 -17.38 11.46
CA LEU H 9 -10.93 -17.73 10.43
C LEU H 9 -9.61 -17.23 10.93
N GLN H 10 -8.64 -18.12 11.07
CA GLN H 10 -7.34 -17.70 11.53
C GLN H 10 -6.49 -17.37 10.32
N VAL H 11 -5.76 -16.27 10.40
CA VAL H 11 -4.89 -15.84 9.32
C VAL H 11 -3.49 -15.59 9.87
N ARG H 12 -2.46 -16.07 9.16
CA ARG H 12 -1.07 -15.75 9.49
C ARG H 12 -0.52 -14.55 8.69
N GLY H 13 0.02 -13.56 9.40
CA GLY H 13 0.71 -12.46 8.76
C GLY H 13 -0.20 -11.25 8.57
N ARG H 14 0.41 -10.08 8.65
CA ARG H 14 -0.31 -8.84 8.52
C ARG H 14 -0.87 -8.70 7.09
N GLU H 15 -0.07 -8.98 6.06
CA GLU H 15 -0.46 -8.69 4.65
C GLU H 15 -1.82 -9.35 4.32
N ARG H 16 -1.89 -10.61 4.67
CA ARG H 16 -2.99 -11.46 4.34
C ARG H 16 -4.24 -11.10 5.15
N TYR H 17 -4.03 -10.86 6.43
CA TYR H 17 -5.07 -10.37 7.31
C TYR H 17 -5.74 -9.12 6.76
N GLU H 18 -4.94 -8.14 6.32
CA GLU H 18 -5.49 -6.89 5.79
C GLU H 18 -6.36 -7.13 4.54
N ILE H 19 -5.92 -8.03 3.66
CA ILE H 19 -6.63 -8.26 2.40
C ILE H 19 -7.93 -8.95 2.70
N LEU H 20 -7.87 -9.97 3.56
CA LEU H 20 -9.07 -10.74 3.90
C LEU H 20 -10.10 -9.95 4.73
N LYS H 21 -9.60 -9.13 5.65
CA LYS H 21 -10.45 -8.22 6.40
C LYS H 21 -11.17 -7.27 5.43
N LYS H 22 -10.43 -6.67 4.52
CA LYS H 22 -10.98 -5.76 3.54
C LYS H 22 -12.14 -6.42 2.79
N LEU H 23 -11.92 -7.67 2.36
CA LEU H 23 -12.91 -8.41 1.62
C LEU H 23 -14.11 -8.73 2.50
N ASN H 24 -13.86 -9.19 3.72
CA ASN H 24 -14.94 -9.59 4.60
C ASN H 24 -15.78 -8.38 5.00
N ASP H 25 -15.16 -7.25 5.36
CA ASP H 25 -15.89 -6.04 5.74
C ASP H 25 -16.75 -5.58 4.55
N SER H 26 -16.21 -5.72 3.35
CA SER H 26 -16.88 -5.33 2.14
C SER H 26 -18.13 -6.18 1.94
N LEU H 27 -17.98 -7.48 2.09
CA LEU H 27 -19.10 -8.39 1.92
C LEU H 27 -20.23 -8.06 2.89
N GLU H 28 -19.85 -7.72 4.12
CA GLU H 28 -20.80 -7.44 5.18
C GLU H 28 -21.51 -6.12 4.94
N LEU H 29 -20.81 -5.16 4.37
CA LEU H 29 -21.41 -3.89 4.10
C LEU H 29 -22.54 -4.12 3.07
N SER H 30 -22.25 -4.85 2.00
CA SER H 30 -23.25 -5.05 0.97
C SER H 30 -24.45 -5.97 1.42
N ASP H 31 -24.31 -6.64 2.56
CA ASP H 31 -25.42 -7.32 3.20
C ASP H 31 -26.35 -6.37 3.98
N VAL H 32 -25.91 -5.15 4.26
CA VAL H 32 -26.78 -4.23 5.01
C VAL H 32 -27.20 -2.97 4.25
N VAL H 33 -26.67 -2.75 3.04
CA VAL H 33 -27.05 -1.61 2.20
C VAL H 33 -28.15 -2.07 1.24
N PRO H 34 -29.33 -1.41 1.29
CA PRO H 34 -30.39 -1.77 0.35
C PRO H 34 -29.94 -1.66 -1.08
N ALA H 35 -30.40 -2.57 -1.93
CA ALA H 35 -30.18 -2.50 -3.37
C ALA H 35 -30.37 -1.09 -3.91
N SER H 36 -31.45 -0.42 -3.50
CA SER H 36 -31.74 0.90 -4.06
C SER H 36 -30.66 1.88 -3.63
N ASP H 37 -30.30 1.88 -2.34
CA ASP H 37 -29.27 2.79 -1.85
C ASP H 37 -27.92 2.49 -2.48
N ALA H 38 -27.57 1.22 -2.63
CA ALA H 38 -26.34 0.85 -3.28
C ALA H 38 -26.18 1.48 -4.66
N GLU H 39 -27.19 1.38 -5.54
CA GLU H 39 -27.09 1.96 -6.88
C GLU H 39 -27.07 3.49 -6.84
N LYS H 40 -27.67 4.10 -5.83
CA LYS H 40 -27.60 5.55 -5.71
C LYS H 40 -26.14 5.98 -5.39
N TYR H 41 -25.47 5.31 -4.43
CA TYR H 41 -24.08 5.58 -4.17
C TYR H 41 -23.19 5.36 -5.40
N ARG H 42 -23.45 4.32 -6.20
CA ARG H 42 -22.65 4.05 -7.38
C ARG H 42 -22.84 5.13 -8.41
N GLN H 43 -24.07 5.62 -8.54
CA GLN H 43 -24.33 6.71 -9.47
C GLN H 43 -23.76 8.04 -8.94
N LYS H 44 -23.78 8.21 -7.63
CA LYS H 44 -23.11 9.35 -6.96
C LYS H 44 -21.62 9.05 -6.68
N GLU I 5 10.75 -3.81 15.56
CA GLU I 5 10.04 -3.72 14.24
C GLU I 5 9.75 -2.25 13.85
N ILE I 6 10.45 -1.75 12.82
CA ILE I 6 10.53 -0.33 12.51
C ILE I 6 9.70 -0.03 11.26
N PHE I 7 8.94 1.06 11.32
CA PHE I 7 8.18 1.56 10.18
C PHE I 7 8.48 3.04 9.96
N THR I 8 8.09 3.51 8.78
CA THR I 8 8.42 4.83 8.29
C THR I 8 7.17 5.53 7.75
N LEU I 9 7.12 6.85 7.96
CA LEU I 9 5.99 7.64 7.56
C LEU I 9 6.46 8.93 6.95
N GLN I 10 5.95 9.28 5.77
CA GLN I 10 6.28 10.55 5.14
C GLN I 10 5.30 11.57 5.64
N VAL I 11 5.84 12.64 6.21
CA VAL I 11 5.05 13.67 6.82
C VAL I 11 5.42 14.98 6.22
N ARG I 12 4.39 15.73 5.88
CA ARG I 12 4.50 16.96 5.13
C ARG I 12 4.48 18.14 6.09
N GLY I 13 5.61 18.85 6.16
CA GLY I 13 5.72 20.11 6.90
C GLY I 13 6.34 19.91 8.29
N ARG I 14 7.15 20.88 8.72
CA ARG I 14 7.92 20.77 9.96
C ARG I 14 7.03 20.73 11.23
N GLU I 15 6.04 21.64 11.33
CA GLU I 15 5.14 21.68 12.48
C GLU I 15 4.37 20.35 12.65
N ARG I 16 3.88 19.80 11.53
CA ARG I 16 3.16 18.54 11.55
C ARG I 16 4.07 17.39 11.96
N TYR I 17 5.31 17.38 11.45
CA TYR I 17 6.29 16.37 11.85
C TYR I 17 6.55 16.39 13.35
N GLU I 18 6.78 17.56 13.90
CA GLU I 18 7.08 17.66 15.34
C GLU I 18 5.91 17.25 16.21
N ILE I 19 4.69 17.48 15.75
CA ILE I 19 3.49 17.04 16.48
C ILE I 19 3.37 15.52 16.47
N LEU I 20 3.44 14.96 15.28
CA LEU I 20 3.40 13.51 15.18
C LEU I 20 4.55 12.83 15.94
N LYS I 21 5.69 13.50 16.02
CA LYS I 21 6.86 12.95 16.69
C LYS I 21 6.68 12.95 18.21
N LYS I 22 6.17 14.06 18.71
CA LYS I 22 5.76 14.16 20.09
C LYS I 22 4.68 13.11 20.43
N LEU I 23 3.69 12.91 19.57
CA LEU I 23 2.67 11.87 19.84
C LEU I 23 3.33 10.50 19.87
N ASN I 24 4.17 10.23 18.87
CA ASN I 24 4.87 8.96 18.83
C ASN I 24 5.62 8.74 20.14
N ASP I 25 6.36 9.74 20.59
CA ASP I 25 7.19 9.59 21.77
C ASP I 25 6.34 9.43 23.06
N SER I 26 5.16 10.00 23.09
CA SER I 26 4.28 9.83 24.24
C SER I 26 3.63 8.47 24.30
N LEU I 27 3.17 8.01 23.15
CA LEU I 27 2.65 6.67 23.02
C LEU I 27 3.69 5.61 23.44
N GLU I 28 4.98 5.82 23.13
CA GLU I 28 6.03 4.86 23.55
C GLU I 28 6.14 4.83 25.07
N LEU I 29 6.11 5.98 25.70
CA LEU I 29 6.20 6.08 27.14
C LEU I 29 5.07 5.34 27.83
N SER I 30 3.84 5.54 27.35
CA SER I 30 2.68 4.79 27.86
C SER I 30 2.79 3.28 27.65
N ASP I 31 3.66 2.86 26.73
CA ASP I 31 3.88 1.43 26.53
C ASP I 31 4.89 0.84 27.51
N VAL I 32 5.51 1.67 28.34
CA VAL I 32 6.56 1.20 29.26
C VAL I 32 6.47 1.63 30.73
N VAL I 33 5.59 2.59 31.04
CA VAL I 33 5.31 2.93 32.43
C VAL I 33 4.22 1.93 32.90
N PRO I 34 4.44 1.20 34.02
CA PRO I 34 3.39 0.31 34.53
C PRO I 34 2.08 1.03 34.93
N ALA I 35 0.95 0.34 34.83
CA ALA I 35 -0.33 0.96 35.10
C ALA I 35 -0.34 1.66 36.46
N SER I 36 0.25 1.04 37.47
CA SER I 36 0.16 1.55 38.82
C SER I 36 1.05 2.77 38.95
N ASP I 37 2.23 2.71 38.35
CA ASP I 37 3.18 3.82 38.33
C ASP I 37 2.55 5.03 37.71
N ALA I 38 1.89 4.82 36.56
CA ALA I 38 1.23 5.87 35.80
C ALA I 38 0.22 6.56 36.65
N GLU I 39 -0.63 5.79 37.32
CA GLU I 39 -1.63 6.39 38.18
C GLU I 39 -1.00 7.19 39.30
N LYS I 40 0.08 6.66 39.90
CA LYS I 40 0.82 7.37 40.96
C LYS I 40 1.35 8.73 40.50
N TYR I 41 2.00 8.78 39.33
CA TYR I 41 2.40 10.06 38.72
C TYR I 41 1.23 11.03 38.51
N ARG I 42 0.08 10.50 38.10
CA ARG I 42 -1.10 11.34 37.79
C ARG I 42 -1.59 12.17 38.99
N GLN I 43 -1.14 11.88 40.20
CA GLN I 43 -1.18 12.88 41.29
C GLN I 43 -0.13 12.60 42.36
N GLU J 5 8.32 21.36 3.20
CA GLU J 5 9.38 20.34 3.43
C GLU J 5 8.73 19.04 3.92
N ILE J 6 9.36 17.94 3.56
CA ILE J 6 8.84 16.61 3.82
C ILE J 6 9.82 15.88 4.76
N PHE J 7 9.33 15.36 5.88
CA PHE J 7 10.17 14.67 6.88
C PHE J 7 9.83 13.19 6.96
N THR J 8 10.78 12.36 7.39
CA THR J 8 10.57 10.92 7.58
C THR J 8 10.47 10.64 9.10
N LEU J 9 9.35 10.07 9.53
CA LEU J 9 9.16 9.71 10.92
C LEU J 9 9.37 8.21 11.10
N GLN J 10 10.23 7.86 12.05
CA GLN J 10 10.47 6.47 12.39
C GLN J 10 9.48 6.11 13.48
N VAL J 11 8.79 4.97 13.33
CA VAL J 11 7.81 4.50 14.30
C VAL J 11 8.14 3.04 14.63
N ARG J 12 8.07 2.68 15.91
CA ARG J 12 8.43 1.34 16.40
C ARG J 12 7.15 0.57 16.74
N GLY J 13 6.79 -0.43 15.92
CA GLY J 13 5.66 -1.31 16.27
C GLY J 13 4.45 -1.03 15.41
N ARG J 14 3.63 -2.06 15.17
CA ARG J 14 2.49 -1.94 14.26
C ARG J 14 1.41 -0.97 14.75
N GLU J 15 0.98 -1.11 16.00
CA GLU J 15 -0.20 -0.38 16.47
C GLU J 15 0.02 1.13 16.37
N ARG J 16 1.18 1.56 16.86
CA ARG J 16 1.59 2.96 16.83
C ARG J 16 1.64 3.48 15.40
N TYR J 17 2.23 2.68 14.50
CA TYR J 17 2.30 3.06 13.10
C TYR J 17 0.92 3.28 12.53
N GLU J 18 0.00 2.42 12.92
CA GLU J 18 -1.34 2.47 12.41
C GLU J 18 -2.00 3.73 12.95
N ILE J 19 -1.85 3.97 14.25
CA ILE J 19 -2.40 5.18 14.85
C ILE J 19 -1.89 6.39 14.10
N LEU J 20 -0.56 6.47 13.93
CA LEU J 20 0.05 7.67 13.36
C LEU J 20 -0.24 7.84 11.88
N LYS J 21 -0.33 6.73 11.16
CA LYS J 21 -0.65 6.77 9.72
C LYS J 21 -2.10 7.23 9.46
N LYS J 22 -3.04 6.76 10.26
CA LYS J 22 -4.41 7.27 10.19
C LYS J 22 -4.48 8.79 10.48
N LEU J 23 -3.74 9.28 11.45
CA LEU J 23 -3.76 10.73 11.72
C LEU J 23 -3.20 11.50 10.51
N ASN J 24 -2.06 11.03 10.04
CA ASN J 24 -1.34 11.64 8.94
C ASN J 24 -2.15 11.69 7.66
N ASP J 25 -2.67 10.54 7.25
CA ASP J 25 -3.61 10.43 6.11
C ASP J 25 -4.79 11.38 6.26
N SER J 26 -5.36 11.39 7.45
CA SER J 26 -6.44 12.29 7.72
C SER J 26 -6.00 13.75 7.52
N LEU J 27 -4.88 14.13 8.13
CA LEU J 27 -4.39 15.51 8.02
C LEU J 27 -4.13 15.90 6.56
N GLU J 28 -3.69 14.93 5.76
CA GLU J 28 -3.42 15.17 4.35
C GLU J 28 -4.70 15.30 3.53
N LEU J 29 -5.78 14.68 3.98
CA LEU J 29 -7.02 14.83 3.28
C LEU J 29 -7.58 16.24 3.46
N SER J 30 -7.58 16.75 4.69
CA SER J 30 -8.14 18.09 4.90
C SER J 30 -7.37 19.20 4.14
N ASP J 31 -6.07 18.99 3.90
CA ASP J 31 -5.24 19.87 3.02
C ASP J 31 -5.79 20.04 1.62
N VAL J 32 -6.44 19.00 1.11
CA VAL J 32 -6.71 18.89 -0.32
C VAL J 32 -8.20 19.07 -0.65
N VAL J 33 -9.06 19.05 0.36
CA VAL J 33 -10.47 19.32 0.18
C VAL J 33 -10.72 20.82 0.40
N PRO J 34 -11.23 21.52 -0.63
CA PRO J 34 -11.69 22.91 -0.44
C PRO J 34 -12.72 23.03 0.70
N ALA J 35 -12.73 24.18 1.37
CA ALA J 35 -13.54 24.35 2.58
C ALA J 35 -15.05 24.23 2.36
N SER J 36 -15.54 24.64 1.19
CA SER J 36 -16.98 24.58 0.94
C SER J 36 -17.32 23.11 0.79
N ASP J 37 -16.46 22.40 0.07
CA ASP J 37 -16.60 20.97 -0.09
C ASP J 37 -16.63 20.32 1.28
N ALA J 38 -15.66 20.64 2.14
CA ALA J 38 -15.64 20.08 3.52
C ALA J 38 -16.94 20.29 4.31
N GLU J 39 -17.50 21.50 4.30
CA GLU J 39 -18.69 21.79 5.08
C GLU J 39 -19.83 20.98 4.50
N LYS J 40 -19.93 20.96 3.17
CA LYS J 40 -20.97 20.20 2.50
C LYS J 40 -21.00 18.75 2.96
N TYR J 41 -19.80 18.15 3.06
CA TYR J 41 -19.65 16.74 3.47
C TYR J 41 -20.05 16.48 4.91
N ARG J 42 -19.71 17.41 5.80
CA ARG J 42 -20.11 17.30 7.21
C ARG J 42 -21.64 17.29 7.38
N GLN J 43 -22.31 18.07 6.54
CA GLN J 43 -23.69 18.44 6.77
C GLN J 43 -24.69 17.37 6.34
N GLU K 4 -25.66 10.92 16.78
CA GLU K 4 -24.67 9.96 17.36
C GLU K 4 -24.38 10.33 18.81
N GLU K 5 -23.74 9.43 19.55
CA GLU K 5 -23.27 9.73 20.91
C GLU K 5 -22.14 10.76 20.87
N ILE K 6 -22.42 11.93 21.44
CA ILE K 6 -21.43 12.97 21.62
C ILE K 6 -20.66 12.74 22.93
N PHE K 7 -19.33 12.77 22.88
CA PHE K 7 -18.53 12.70 24.10
C PHE K 7 -17.82 14.03 24.32
N THR K 8 -17.25 14.16 25.51
CA THR K 8 -16.55 15.37 25.89
C THR K 8 -15.19 15.01 26.48
N LEU K 9 -14.11 15.52 25.88
CA LEU K 9 -12.77 15.31 26.44
C LEU K 9 -12.29 16.53 27.23
N GLN K 10 -11.77 16.32 28.45
CA GLN K 10 -11.04 17.37 29.20
C GLN K 10 -9.57 17.45 28.74
N VAL K 11 -9.19 18.58 28.15
CA VAL K 11 -7.82 18.80 27.64
C VAL K 11 -7.11 19.95 28.37
N ARG K 12 -5.86 19.72 28.80
CA ARG K 12 -5.04 20.70 29.51
C ARG K 12 -4.19 21.50 28.54
N GLY K 13 -4.35 22.81 28.52
CA GLY K 13 -3.58 23.67 27.65
C GLY K 13 -4.29 23.99 26.34
N ARG K 14 -4.32 25.27 26.01
CA ARG K 14 -4.96 25.76 24.79
C ARG K 14 -4.36 25.06 23.56
N GLU K 15 -3.04 25.00 23.51
CA GLU K 15 -2.30 24.50 22.37
C GLU K 15 -2.68 23.05 22.08
N ARG K 16 -2.72 22.26 23.13
CA ARG K 16 -3.02 20.89 23.03
C ARG K 16 -4.49 20.77 22.59
N TYR K 17 -5.31 21.66 23.09
CA TYR K 17 -6.71 21.69 22.66
C TYR K 17 -6.81 21.95 21.16
N GLU K 18 -6.15 22.99 20.66
CA GLU K 18 -6.22 23.32 19.23
C GLU K 18 -5.71 22.13 18.38
N ILE K 19 -4.72 21.39 18.88
CA ILE K 19 -4.15 20.28 18.10
C ILE K 19 -5.07 19.09 18.03
N LEU K 20 -5.61 18.72 19.17
CA LEU K 20 -6.57 17.67 19.24
C LEU K 20 -7.88 18.04 18.53
N LYS K 21 -8.27 19.31 18.57
CA LYS K 21 -9.41 19.78 17.76
C LYS K 21 -9.16 19.63 16.26
N LYS K 22 -7.98 20.01 15.79
CA LYS K 22 -7.65 19.85 14.37
C LYS K 22 -7.68 18.36 13.97
N LEU K 23 -7.23 17.46 14.84
CA LEU K 23 -7.19 16.05 14.53
C LEU K 23 -8.57 15.48 14.40
N ASN K 24 -9.47 15.93 15.28
CA ASN K 24 -10.84 15.47 15.34
C ASN K 24 -11.62 15.95 14.13
N ASP K 25 -11.53 17.25 13.85
CA ASP K 25 -12.10 17.82 12.62
C ASP K 25 -11.59 17.07 11.35
N SER K 26 -10.33 16.63 11.38
CA SER K 26 -9.75 15.92 10.25
C SER K 26 -10.19 14.43 10.17
N LEU K 27 -10.26 13.75 11.31
CA LEU K 27 -10.86 12.44 11.38
C LEU K 27 -12.37 12.44 10.98
N GLU K 28 -13.12 13.48 11.35
CA GLU K 28 -14.51 13.63 10.88
C GLU K 28 -14.58 13.69 9.33
N LEU K 29 -13.73 14.53 8.73
CA LEU K 29 -13.69 14.67 7.27
C LEU K 29 -13.44 13.36 6.59
N SER K 30 -12.45 12.61 7.08
CA SER K 30 -12.11 11.31 6.53
C SER K 30 -13.24 10.30 6.60
N ASP K 31 -14.08 10.46 7.61
CA ASP K 31 -15.17 9.57 7.80
C ASP K 31 -16.41 9.91 6.93
N VAL K 32 -16.54 11.14 6.46
CA VAL K 32 -17.67 11.51 5.59
C VAL K 32 -17.32 11.59 4.11
N VAL K 33 -16.02 11.60 3.78
CA VAL K 33 -15.60 11.54 2.39
C VAL K 33 -15.43 10.09 1.95
N PRO K 34 -16.15 9.68 0.91
CA PRO K 34 -15.92 8.33 0.39
C PRO K 34 -14.52 8.11 -0.19
N ALA K 35 -14.00 6.90 -0.04
CA ALA K 35 -12.62 6.62 -0.42
C ALA K 35 -12.39 7.06 -1.86
N SER K 36 -13.37 6.82 -2.69
CA SER K 36 -13.28 7.14 -4.10
C SER K 36 -13.11 8.65 -4.35
N ASP K 37 -13.86 9.45 -3.59
CA ASP K 37 -13.72 10.91 -3.66
C ASP K 37 -12.36 11.34 -3.10
N ALA K 38 -11.96 10.73 -1.99
CA ALA K 38 -10.68 11.03 -1.34
C ALA K 38 -9.53 10.91 -2.29
N GLU K 39 -9.51 9.88 -3.10
CA GLU K 39 -8.38 9.70 -3.97
C GLU K 39 -8.42 10.69 -5.13
N LYS K 40 -9.63 11.10 -5.53
CA LYS K 40 -9.74 12.10 -6.57
C LYS K 40 -9.21 13.46 -6.09
N TYR K 41 -9.50 13.80 -4.85
CA TYR K 41 -8.94 15.00 -4.24
C TYR K 41 -7.44 14.91 -4.10
N ARG K 42 -6.94 13.84 -3.47
CA ARG K 42 -5.50 13.68 -3.30
C ARG K 42 -4.82 13.73 -4.67
N GLN K 43 -5.51 13.26 -5.69
CA GLN K 43 -4.96 13.25 -7.04
C GLN K 43 -5.06 14.66 -7.62
N GLU L 5 -4.68 25.27 32.49
CA GLU L 5 -5.94 25.76 31.85
C GLU L 5 -6.68 24.64 31.12
N ILE L 6 -7.95 24.42 31.48
CA ILE L 6 -8.69 23.27 31.02
C ILE L 6 -9.66 23.67 29.90
N PHE L 7 -9.64 22.91 28.81
CA PHE L 7 -10.61 23.05 27.73
C PHE L 7 -11.42 21.78 27.56
N THR L 8 -12.47 21.92 26.76
CA THR L 8 -13.43 20.86 26.60
C THR L 8 -13.61 20.53 25.09
N LEU L 9 -13.23 19.32 24.71
CA LEU L 9 -13.31 18.90 23.32
C LEU L 9 -14.50 17.95 23.15
N GLN L 10 -15.39 18.36 22.27
CA GLN L 10 -16.53 17.60 21.84
C GLN L 10 -16.18 16.62 20.71
N VAL L 11 -16.43 15.34 20.94
CA VAL L 11 -16.10 14.31 19.96
C VAL L 11 -17.33 13.46 19.66
N ARG L 12 -17.63 13.26 18.37
CA ARG L 12 -18.77 12.43 17.91
C ARG L 12 -18.36 10.97 17.62
N GLY L 13 -19.00 10.02 18.28
CA GLY L 13 -18.76 8.58 18.04
C GLY L 13 -17.71 8.00 18.98
N ARG L 14 -17.91 6.75 19.42
CA ARG L 14 -16.96 6.15 20.33
C ARG L 14 -15.59 5.89 19.69
N GLU L 15 -15.50 5.65 18.38
CA GLU L 15 -14.20 5.24 17.80
C GLU L 15 -13.22 6.43 17.77
N ARG L 16 -13.73 7.59 17.38
CA ARG L 16 -12.94 8.79 17.40
C ARG L 16 -12.59 9.16 18.85
N TYR L 17 -13.57 9.11 19.75
CA TYR L 17 -13.33 9.36 21.14
C TYR L 17 -12.17 8.55 21.71
N GLU L 18 -12.13 7.26 21.44
CA GLU L 18 -11.05 6.42 21.97
C GLU L 18 -9.66 6.78 21.41
N ILE L 19 -9.58 7.17 20.13
CA ILE L 19 -8.29 7.58 19.58
C ILE L 19 -7.81 8.88 20.23
N LEU L 20 -8.67 9.90 20.26
CA LEU L 20 -8.32 11.17 20.86
C LEU L 20 -8.03 11.05 22.37
N LYS L 21 -8.77 10.21 23.06
CA LYS L 21 -8.54 9.91 24.49
C LYS L 21 -7.17 9.31 24.75
N LYS L 22 -6.84 8.33 23.92
CA LYS L 22 -5.57 7.66 24.01
C LYS L 22 -4.40 8.65 23.87
N LEU L 23 -4.58 9.61 22.97
CA LEU L 23 -3.51 10.58 22.69
C LEU L 23 -3.45 11.55 23.84
N ASN L 24 -4.61 12.04 24.26
CA ASN L 24 -4.70 12.96 25.38
C ASN L 24 -4.11 12.32 26.64
N ASP L 25 -4.55 11.13 27.00
CA ASP L 25 -4.00 10.49 28.21
C ASP L 25 -2.47 10.34 28.09
N SER L 26 -2.01 10.02 26.88
CA SER L 26 -0.57 9.83 26.67
C SER L 26 0.22 11.12 26.88
N LEU L 27 -0.31 12.21 26.36
CA LEU L 27 0.33 13.53 26.56
C LEU L 27 0.35 13.94 28.01
N GLU L 28 -0.72 13.65 28.74
CA GLU L 28 -0.79 13.96 30.17
C GLU L 28 0.24 13.15 30.96
N LEU L 29 0.41 11.89 30.57
CA LEU L 29 1.45 11.05 31.18
C LEU L 29 2.87 11.62 30.92
N SER L 30 3.18 12.00 29.69
CA SER L 30 4.51 12.57 29.40
C SER L 30 4.77 13.83 30.22
N ASP L 31 3.72 14.59 30.56
CA ASP L 31 3.86 15.79 31.41
C ASP L 31 4.25 15.51 32.85
N VAL L 32 3.82 14.38 33.42
CA VAL L 32 3.99 14.11 34.86
C VAL L 32 5.11 13.13 35.21
N VAL L 33 5.62 12.38 34.23
CA VAL L 33 6.73 11.46 34.47
C VAL L 33 8.05 12.24 34.34
N PRO L 34 8.83 12.32 35.42
CA PRO L 34 10.13 13.00 35.31
C PRO L 34 11.06 12.32 34.30
N ALA L 35 11.93 13.11 33.69
CA ALA L 35 12.90 12.62 32.70
C ALA L 35 13.81 11.55 33.29
N SER L 36 14.23 11.76 34.54
CA SER L 36 15.01 10.76 35.29
C SER L 36 14.26 9.45 35.54
N ASP L 37 12.95 9.45 35.32
CA ASP L 37 12.19 8.23 35.43
C ASP L 37 11.88 7.67 34.04
N ALA L 38 11.50 8.56 33.11
CA ALA L 38 11.23 8.21 31.71
C ALA L 38 12.30 7.38 30.99
N GLU L 39 13.55 7.85 30.94
CA GLU L 39 14.60 7.11 30.20
C GLU L 39 14.97 5.84 30.91
N LYS L 40 14.86 5.83 32.25
CA LYS L 40 15.00 4.61 33.01
C LYS L 40 13.94 3.59 32.56
N TYR L 41 12.69 4.04 32.38
CA TYR L 41 11.62 3.16 31.85
C TYR L 41 11.85 2.79 30.39
N ARG L 42 12.38 3.70 29.57
CA ARG L 42 12.64 3.40 28.14
C ARG L 42 13.71 2.30 27.92
N GLN L 43 14.10 1.60 29.01
CA GLN L 43 15.04 0.50 28.94
C GLN L 43 14.57 -0.65 29.83
ZN ZN M . 36.37 0.96 -22.44
ZN ZN N . 6.25 -33.43 -7.06
#